data_7M5H
#
_entry.id   7M5H
#
_cell.length_a   219.901
_cell.length_b   219.901
_cell.length_c   219.901
_cell.angle_alpha   90.000
_cell.angle_beta   90.000
_cell.angle_gamma   90.000
#
_symmetry.space_group_name_H-M   'F 41 3 2'
#
loop_
_entity.id
_entity.type
_entity.pdbx_description
1 polymer 'Nucleoside 2-deoxyribosyltransferase'
2 non-polymer GLYCEROL
3 non-polymer 1,2-ETHANEDIOL
4 water water
#
_entity_poly.entity_id   1
_entity_poly.type   'polypeptide(L)'
_entity_poly.pdbx_seq_one_letter_code
;SNA(MSE)TKIYFAGPLFSQADLRYNAYLVEQIRQLDKTIDLYLPQENAAINDKSAYADSK(MSE)IALADTENVLASDL
LVALLDGPTIDAGVASEIGVAYAKGIPVVALYTDSRQQGADNHQKLDALNEIAENQFHYLNLYTVGLIKLNGRVVSSEED
LLEEIKQRLS
;
_entity_poly.pdbx_strand_id   A,B
#
loop_
_chem_comp.id
_chem_comp.type
_chem_comp.name
_chem_comp.formula
EDO non-polymer 1,2-ETHANEDIOL 'C2 H6 O2'
GOL non-polymer GLYCEROL 'C3 H8 O3'
#
# COMPACT_ATOMS: atom_id res chain seq x y z
N MSE A 4 9.72 -25.51 -12.10
CA MSE A 4 9.82 -24.10 -12.48
C MSE A 4 9.38 -23.19 -11.34
O MSE A 4 8.52 -23.54 -10.54
CB MSE A 4 8.99 -23.81 -13.73
CG MSE A 4 9.62 -24.31 -15.02
SE MSE A 4 8.89 -23.40 -16.58
CE MSE A 4 10.05 -24.17 -17.96
N THR A 5 9.98 -22.00 -11.28
CA THR A 5 9.69 -21.01 -10.25
C THR A 5 8.91 -19.86 -10.88
N LYS A 6 7.70 -19.62 -10.35
CA LYS A 6 6.84 -18.56 -10.87
C LYS A 6 7.07 -17.29 -10.06
N ILE A 7 7.34 -16.20 -10.77
CA ILE A 7 7.62 -14.90 -10.16
C ILE A 7 6.56 -13.91 -10.61
N TYR A 8 6.04 -13.13 -9.66
CA TYR A 8 5.17 -12.00 -9.95
C TYR A 8 5.98 -10.72 -9.80
N PHE A 9 6.05 -9.94 -10.87
CA PHE A 9 6.83 -8.69 -10.87
C PHE A 9 5.89 -7.54 -10.49
N ALA A 10 5.96 -7.11 -9.24
CA ALA A 10 5.14 -6.01 -8.76
C ALA A 10 5.89 -4.69 -8.92
N GLY A 11 5.20 -3.69 -9.45
CA GLY A 11 5.78 -2.38 -9.67
C GLY A 11 4.87 -1.51 -10.49
N PRO A 12 4.99 -0.20 -10.34
CA PRO A 12 4.21 0.71 -11.19
C PRO A 12 4.56 0.49 -12.66
N LEU A 13 3.54 0.56 -13.51
CA LEU A 13 3.68 0.19 -14.92
C LEU A 13 2.92 1.16 -15.81
N PHE A 14 2.90 2.44 -15.43
CA PHE A 14 2.03 3.41 -16.07
C PHE A 14 2.78 4.46 -16.88
N SER A 15 3.91 4.94 -16.40
CA SER A 15 4.73 5.87 -17.17
C SER A 15 5.71 5.11 -18.07
N GLN A 16 6.19 5.81 -19.09
CA GLN A 16 7.19 5.21 -19.97
C GLN A 16 8.47 4.88 -19.22
N ALA A 17 8.83 5.70 -18.23
CA ALA A 17 10.04 5.42 -17.44
C ALA A 17 9.91 4.09 -16.72
N ASP A 18 8.76 3.82 -16.11
CA ASP A 18 8.58 2.58 -15.38
C ASP A 18 8.35 1.41 -16.33
N LEU A 19 7.59 1.61 -17.40
CA LEU A 19 7.39 0.56 -18.39
C LEU A 19 8.70 0.09 -18.99
N ARG A 20 9.59 1.03 -19.34
CA ARG A 20 10.87 0.64 -19.91
C ARG A 20 11.76 -0.03 -18.87
N TYR A 21 11.74 0.44 -17.63
CA TYR A 21 12.60 -0.15 -16.61
C TYR A 21 12.13 -1.54 -16.23
N ASN A 22 10.82 -1.76 -16.20
CA ASN A 22 10.30 -3.09 -15.91
C ASN A 22 10.75 -4.10 -16.97
N ALA A 23 10.59 -3.74 -18.24
CA ALA A 23 11.00 -4.64 -19.32
C ALA A 23 12.49 -4.90 -19.30
N TYR A 24 13.28 -3.87 -18.96
CA TYR A 24 14.73 -4.02 -18.89
C TYR A 24 15.14 -4.97 -17.76
N LEU A 25 14.52 -4.82 -16.57
CA LEU A 25 14.85 -5.69 -15.46
C LEU A 25 14.36 -7.11 -15.71
N VAL A 26 13.14 -7.26 -16.25
CA VAL A 26 12.54 -8.57 -16.41
C VAL A 26 13.36 -9.44 -17.35
N GLU A 27 13.88 -8.85 -18.44
CA GLU A 27 14.70 -9.63 -19.36
C GLU A 27 15.97 -10.14 -18.68
N GLN A 28 16.54 -9.34 -17.79
CA GLN A 28 17.70 -9.81 -17.03
C GLN A 28 17.32 -10.94 -16.09
N ILE A 29 16.11 -10.88 -15.52
CA ILE A 29 15.67 -11.94 -14.61
C ILE A 29 15.37 -13.21 -15.39
N ARG A 30 14.78 -13.08 -16.59
CA ARG A 30 14.45 -14.26 -17.37
C ARG A 30 15.68 -14.92 -17.95
N GLN A 31 16.69 -14.14 -18.33
CA GLN A 31 17.95 -14.72 -18.80
C GLN A 31 18.75 -15.37 -17.68
N LEU A 32 18.31 -15.25 -16.44
CA LEU A 32 19.02 -15.84 -15.31
C LEU A 32 18.88 -17.36 -15.32
N ASP A 33 17.67 -17.86 -15.52
CA ASP A 33 17.41 -19.29 -15.49
C ASP A 33 16.20 -19.60 -16.35
N LYS A 34 16.28 -20.70 -17.10
CA LYS A 34 15.18 -21.08 -17.98
C LYS A 34 13.98 -21.61 -17.21
N THR A 35 14.15 -21.97 -15.94
CA THR A 35 13.03 -22.44 -15.13
C THR A 35 12.21 -21.29 -14.53
N ILE A 36 12.63 -20.04 -14.74
CA ILE A 36 11.90 -18.90 -14.19
C ILE A 36 10.72 -18.60 -15.11
N ASP A 37 9.52 -18.61 -14.54
CA ASP A 37 8.30 -18.23 -15.24
C ASP A 37 7.81 -16.93 -14.61
N LEU A 38 8.26 -15.80 -15.16
CA LEU A 38 7.95 -14.49 -14.61
C LEU A 38 6.69 -13.93 -15.26
N TYR A 39 5.77 -13.46 -14.43
CA TYR A 39 4.56 -12.78 -14.89
C TYR A 39 4.74 -11.28 -14.74
N LEU A 40 4.72 -10.56 -15.86
CA LEU A 40 4.82 -9.12 -15.86
C LEU A 40 3.47 -8.53 -16.26
N PRO A 41 2.80 -7.78 -15.38
CA PRO A 41 1.44 -7.33 -15.68
C PRO A 41 1.32 -6.52 -16.97
N GLN A 42 2.31 -5.67 -17.28
CA GLN A 42 2.23 -4.84 -18.48
C GLN A 42 2.22 -5.67 -19.76
N GLU A 43 2.79 -6.89 -19.73
CA GLU A 43 2.74 -7.77 -20.88
C GLU A 43 1.37 -8.41 -21.07
N ASN A 44 0.46 -8.28 -20.11
CA ASN A 44 -0.84 -8.94 -20.17
C ASN A 44 -2.00 -7.96 -20.16
N ALA A 45 -1.75 -6.65 -20.06
CA ALA A 45 -2.83 -5.69 -20.06
C ALA A 45 -3.42 -5.53 -21.45
N ALA A 46 -4.75 -5.45 -21.50
CA ALA A 46 -5.42 -5.21 -22.77
C ALA A 46 -5.11 -3.82 -23.29
N ILE A 47 -4.92 -3.70 -24.61
CA ILE A 47 -4.73 -2.39 -25.21
C ILE A 47 -5.97 -1.55 -24.97
N ASN A 48 -5.76 -0.30 -24.55
CA ASN A 48 -6.86 0.54 -24.09
C ASN A 48 -7.86 0.77 -25.21
N ASP A 49 -8.97 0.05 -25.16
CA ASP A 49 -10.01 0.13 -26.18
C ASP A 49 -11.28 0.72 -25.58
N LYS A 50 -12.02 1.46 -26.40
CA LYS A 50 -13.14 2.25 -25.91
C LYS A 50 -14.28 1.40 -25.36
N SER A 51 -14.30 0.10 -25.67
CA SER A 51 -15.35 -0.79 -25.16
C SER A 51 -14.90 -1.62 -23.97
N ALA A 52 -13.60 -1.72 -23.71
CA ALA A 52 -13.10 -2.54 -22.62
C ALA A 52 -13.17 -1.78 -21.30
N TYR A 53 -13.74 -2.42 -20.29
CA TYR A 53 -13.83 -1.82 -18.96
C TYR A 53 -13.90 -2.91 -17.90
N ALA A 54 -13.26 -2.65 -16.76
CA ALA A 54 -13.37 -3.52 -15.59
C ALA A 54 -13.26 -2.63 -14.36
N ASP A 55 -14.15 -2.85 -13.39
CA ASP A 55 -14.15 -2.01 -12.19
C ASP A 55 -13.09 -2.48 -11.21
N SER A 56 -13.00 -1.78 -10.07
CA SER A 56 -11.92 -2.06 -9.11
C SER A 56 -11.99 -3.50 -8.59
N LYS A 57 -13.19 -4.00 -8.34
CA LYS A 57 -13.33 -5.36 -7.82
C LYS A 57 -12.80 -6.40 -8.80
N MSE A 58 -13.10 -6.23 -10.09
N MSE A 58 -13.10 -6.23 -10.09
CA MSE A 58 -12.60 -7.12 -11.13
CA MSE A 58 -12.59 -7.13 -11.12
C MSE A 58 -11.09 -6.98 -11.27
C MSE A 58 -11.09 -6.99 -11.29
O MSE A 58 -10.38 -7.98 -11.44
O MSE A 58 -10.38 -7.97 -11.51
CB MSE A 58 -13.27 -6.82 -12.47
CB MSE A 58 -13.30 -6.88 -12.45
CG MSE A 58 -14.75 -7.16 -12.49
CG MSE A 58 -14.78 -7.18 -12.42
SE MSE A 58 -15.64 -6.52 -14.10
SE MSE A 58 -15.13 -8.93 -11.65
CE MSE A 58 -14.77 -7.66 -15.42
CE MSE A 58 -15.89 -8.36 -9.94
N ILE A 59 -10.60 -5.75 -11.19
CA ILE A 59 -9.17 -5.49 -11.29
C ILE A 59 -8.44 -6.16 -10.14
N ALA A 60 -8.93 -5.95 -8.91
CA ALA A 60 -8.27 -6.52 -7.73
C ALA A 60 -8.32 -8.03 -7.76
N LEU A 61 -9.43 -8.60 -8.24
CA LEU A 61 -9.57 -10.05 -8.24
C LEU A 61 -8.62 -10.70 -9.24
N ALA A 62 -8.50 -10.12 -10.44
CA ALA A 62 -7.61 -10.68 -11.44
C ALA A 62 -6.16 -10.50 -11.06
N ASP A 63 -5.81 -9.34 -10.50
N ASP A 63 -5.81 -9.35 -10.49
CA ASP A 63 -4.43 -9.10 -10.08
CA ASP A 63 -4.43 -9.11 -10.09
C ASP A 63 -4.03 -10.03 -8.94
C ASP A 63 -4.02 -10.01 -8.93
N THR A 64 -4.92 -10.21 -7.97
CA THR A 64 -4.61 -11.07 -6.83
C THR A 64 -4.40 -12.52 -7.27
N GLU A 65 -5.16 -12.97 -8.28
CA GLU A 65 -5.00 -14.33 -8.78
C GLU A 65 -3.58 -14.56 -9.31
N ASN A 66 -3.00 -13.55 -9.96
CA ASN A 66 -1.63 -13.68 -10.43
C ASN A 66 -0.64 -13.65 -9.27
N VAL A 67 -0.92 -12.83 -8.25
CA VAL A 67 -0.04 -12.79 -7.08
C VAL A 67 -0.04 -14.13 -6.35
N LEU A 68 -1.23 -14.67 -6.09
CA LEU A 68 -1.35 -15.91 -5.32
C LEU A 68 -0.86 -17.13 -6.09
N ALA A 69 -0.70 -17.02 -7.41
CA ALA A 69 -0.20 -18.13 -8.21
C ALA A 69 1.32 -18.19 -8.27
N SER A 70 2.02 -17.19 -7.74
CA SER A 70 3.46 -17.12 -7.85
C SER A 70 4.13 -17.74 -6.63
N ASP A 71 5.38 -18.17 -6.82
CA ASP A 71 6.22 -18.65 -5.73
C ASP A 71 7.03 -17.54 -5.09
N LEU A 72 7.28 -16.45 -5.81
CA LEU A 72 8.10 -15.36 -5.32
C LEU A 72 7.59 -14.06 -5.92
N LEU A 73 7.58 -13.01 -5.12
CA LEU A 73 7.18 -11.68 -5.58
C LEU A 73 8.40 -10.78 -5.61
N VAL A 74 8.61 -10.13 -6.75
CA VAL A 74 9.64 -9.11 -6.91
C VAL A 74 8.94 -7.76 -6.94
N ALA A 75 9.29 -6.88 -6.01
CA ALA A 75 8.60 -5.62 -5.82
C ALA A 75 9.57 -4.46 -5.99
N LEU A 76 9.17 -3.46 -6.77
CA LEU A 76 9.94 -2.25 -6.96
C LEU A 76 9.35 -1.16 -6.07
N LEU A 77 10.15 -0.65 -5.14
CA LEU A 77 9.68 0.27 -4.12
C LEU A 77 9.96 1.74 -4.44
N ASP A 78 10.68 2.03 -5.51
CA ASP A 78 11.12 3.39 -5.78
C ASP A 78 9.95 4.30 -6.14
N GLY A 79 10.19 5.60 -6.03
CA GLY A 79 9.19 6.61 -6.21
C GLY A 79 9.15 7.56 -5.04
N PRO A 80 8.41 8.67 -5.16
CA PRO A 80 8.24 9.56 -4.01
C PRO A 80 7.58 8.86 -2.83
N THR A 81 6.71 7.90 -3.12
CA THR A 81 6.17 6.97 -2.14
C THR A 81 6.12 5.59 -2.80
N ILE A 82 5.98 4.56 -1.96
CA ILE A 82 5.76 3.23 -2.50
C ILE A 82 4.39 3.20 -3.18
N ASP A 83 4.35 2.67 -4.40
CA ASP A 83 3.09 2.56 -5.14
C ASP A 83 2.06 1.84 -4.29
N ALA A 84 0.87 2.46 -4.17
CA ALA A 84 -0.16 1.93 -3.28
C ALA A 84 -0.59 0.52 -3.69
N GLY A 85 -0.69 0.27 -5.00
CA GLY A 85 -1.00 -1.07 -5.46
C GLY A 85 0.07 -2.08 -5.07
N VAL A 86 1.34 -1.69 -5.23
CA VAL A 86 2.44 -2.57 -4.82
C VAL A 86 2.39 -2.82 -3.33
N ALA A 87 2.13 -1.78 -2.54
CA ALA A 87 2.05 -1.94 -1.09
C ALA A 87 0.95 -2.92 -0.71
N SER A 88 -0.21 -2.82 -1.36
CA SER A 88 -1.28 -3.77 -1.09
C SER A 88 -0.90 -5.19 -1.51
N GLU A 89 -0.26 -5.33 -2.67
CA GLU A 89 0.18 -6.66 -3.12
C GLU A 89 1.16 -7.27 -2.13
N ILE A 90 2.03 -6.44 -1.54
CA ILE A 90 2.96 -6.93 -0.53
C ILE A 90 2.20 -7.41 0.70
N GLY A 91 1.14 -6.70 1.09
CA GLY A 91 0.34 -7.13 2.21
C GLY A 91 -0.34 -8.47 1.95
N VAL A 92 -0.86 -8.66 0.74
CA VAL A 92 -1.47 -9.93 0.38
C VAL A 92 -0.43 -11.05 0.39
N ALA A 93 0.74 -10.78 -0.18
CA ALA A 93 1.77 -11.81 -0.26
C ALA A 93 2.25 -12.24 1.12
N TYR A 94 2.44 -11.28 2.02
CA TYR A 94 2.89 -11.62 3.38
C TYR A 94 1.87 -12.49 4.09
N ALA A 95 0.59 -12.10 4.02
CA ALA A 95 -0.46 -12.85 4.71
C ALA A 95 -0.64 -14.25 4.15
N LYS A 96 -0.23 -14.47 2.89
CA LYS A 96 -0.33 -15.78 2.27
C LYS A 96 0.98 -16.56 2.30
N GLY A 97 2.04 -15.99 2.88
CA GLY A 97 3.30 -16.70 3.00
C GLY A 97 4.16 -16.71 1.76
N ILE A 98 3.91 -15.81 0.81
CA ILE A 98 4.68 -15.74 -0.42
C ILE A 98 5.85 -14.78 -0.20
N PRO A 99 7.10 -15.22 -0.37
CA PRO A 99 8.24 -14.33 -0.10
C PRO A 99 8.32 -13.18 -1.10
N VAL A 100 8.93 -12.09 -0.66
CA VAL A 100 9.04 -10.87 -1.45
C VAL A 100 10.49 -10.42 -1.45
N VAL A 101 11.07 -10.29 -2.64
CA VAL A 101 12.38 -9.67 -2.82
C VAL A 101 12.16 -8.30 -3.45
N ALA A 102 12.57 -7.26 -2.74
CA ALA A 102 12.27 -5.89 -3.13
C ALA A 102 13.53 -5.16 -3.58
N LEU A 103 13.38 -4.29 -4.58
CA LEU A 103 14.46 -3.48 -5.11
C LEU A 103 14.21 -2.01 -4.78
N TYR A 104 15.24 -1.34 -4.27
CA TYR A 104 15.12 0.06 -3.82
C TYR A 104 16.43 0.75 -4.14
N THR A 105 16.45 1.50 -5.24
CA THR A 105 17.69 2.06 -5.78
C THR A 105 17.85 3.56 -5.52
N ASP A 106 16.92 4.19 -4.81
CA ASP A 106 16.94 5.63 -4.63
C ASP A 106 18.29 6.10 -4.11
N SER A 107 18.92 7.02 -4.85
CA SER A 107 20.26 7.46 -4.51
C SER A 107 20.30 8.25 -3.20
N ARG A 108 19.15 8.75 -2.74
CA ARG A 108 19.11 9.50 -1.49
C ARG A 108 19.13 8.61 -0.26
N GLN A 109 19.24 7.29 -0.42
CA GLN A 109 19.36 6.40 0.72
C GLN A 109 20.78 6.34 1.26
N GLN A 110 21.76 6.79 0.49
CA GLN A 110 23.16 6.72 0.88
CA GLN A 110 23.15 6.71 0.90
C GLN A 110 23.55 7.94 1.70
N GLY A 111 24.56 7.77 2.55
CA GLY A 111 25.04 8.86 3.37
C GLY A 111 25.14 8.52 4.84
N ALA A 112 24.97 7.24 5.18
CA ALA A 112 25.06 6.83 6.58
C ALA A 112 26.45 7.05 7.16
N ASP A 113 27.47 7.10 6.31
CA ASP A 113 28.84 7.38 6.73
C ASP A 113 29.18 8.86 6.62
N ASN A 114 28.22 9.71 6.28
CA ASN A 114 28.41 11.15 6.16
C ASN A 114 27.96 11.80 7.46
N HIS A 115 28.92 12.21 8.29
CA HIS A 115 28.59 12.76 9.60
C HIS A 115 27.86 14.10 9.51
N GLN A 116 28.04 14.83 8.41
CA GLN A 116 27.32 16.09 8.25
C GLN A 116 25.84 15.84 7.96
N LYS A 117 25.54 14.79 7.18
CA LYS A 117 24.15 14.43 6.96
C LYS A 117 23.49 13.98 8.27
N LEU A 118 24.23 13.27 9.12
CA LEU A 118 23.70 12.85 10.41
C LEU A 118 23.47 14.06 11.32
N ASP A 119 24.45 14.96 11.41
CA ASP A 119 24.30 16.14 12.23
C ASP A 119 23.16 17.03 11.75
N ALA A 120 22.94 17.09 10.43
CA ALA A 120 21.87 17.92 9.89
C ALA A 120 20.49 17.50 10.37
N LEU A 121 20.34 16.26 10.83
CA LEU A 121 19.05 15.82 11.35
C LEU A 121 18.65 16.55 12.62
N ASN A 122 19.60 17.20 13.30
CA ASN A 122 19.26 18.04 14.43
C ASN A 122 18.60 19.34 14.01
N GLU A 123 18.69 19.70 12.74
CA GLU A 123 18.02 20.87 12.20
C GLU A 123 16.62 20.52 11.73
N ILE A 124 15.78 21.54 11.58
CA ILE A 124 14.43 21.34 11.10
C ILE A 124 14.45 21.29 9.57
N ALA A 125 13.90 20.22 9.01
CA ALA A 125 13.72 20.06 7.56
C ALA A 125 15.08 20.09 6.84
N GLU A 126 16.01 19.24 7.30
CA GLU A 126 17.30 19.09 6.65
C GLU A 126 17.67 17.61 6.44
N ASN A 127 16.69 16.72 6.48
CA ASN A 127 16.94 15.31 6.26
C ASN A 127 17.20 15.03 4.78
N GLN A 128 18.34 14.43 4.48
CA GLN A 128 18.73 14.09 3.12
C GLN A 128 18.48 12.64 2.77
N PHE A 129 17.92 11.85 3.70
CA PHE A 129 17.69 10.43 3.48
C PHE A 129 16.25 10.21 3.06
N HIS A 130 16.06 9.66 1.85
CA HIS A 130 14.74 9.31 1.36
C HIS A 130 14.06 8.34 2.30
N TYR A 131 12.73 8.42 2.38
CA TYR A 131 11.96 7.67 3.35
C TYR A 131 11.03 6.68 2.66
N LEU A 132 11.02 5.45 3.16
CA LEU A 132 10.07 4.42 2.79
C LEU A 132 9.20 4.10 4.01
N ASN A 133 7.90 3.92 3.79
CA ASN A 133 7.02 3.52 4.87
C ASN A 133 7.50 2.20 5.46
N LEU A 134 7.87 2.22 6.74
CA LEU A 134 8.53 1.08 7.37
C LEU A 134 7.61 -0.08 7.67
N TYR A 135 6.29 0.13 7.65
CA TYR A 135 5.39 -1.02 7.79
C TYR A 135 5.47 -1.91 6.56
N THR A 136 5.37 -1.31 5.36
CA THR A 136 5.50 -2.08 4.13
C THR A 136 6.86 -2.74 4.04
N VAL A 137 7.92 -2.03 4.44
CA VAL A 137 9.27 -2.59 4.40
C VAL A 137 9.38 -3.75 5.38
N GLY A 138 8.81 -3.61 6.58
CA GLY A 138 8.90 -4.67 7.56
C GLY A 138 8.24 -5.96 7.09
N LEU A 139 7.09 -5.85 6.41
CA LEU A 139 6.43 -7.03 5.88
C LEU A 139 7.33 -7.75 4.88
N ILE A 140 8.08 -6.99 4.08
CA ILE A 140 9.01 -7.61 3.13
C ILE A 140 10.08 -8.38 3.88
N LYS A 141 10.72 -7.75 4.86
CA LYS A 141 11.84 -8.36 5.56
C LYS A 141 11.42 -9.52 6.47
N LEU A 142 10.16 -9.56 6.89
CA LEU A 142 9.69 -10.69 7.69
C LEU A 142 9.65 -11.98 6.89
N ASN A 143 9.66 -11.88 5.56
CA ASN A 143 9.76 -13.04 4.68
C ASN A 143 10.29 -12.61 3.32
N GLY A 144 11.56 -12.26 3.26
CA GLY A 144 12.15 -11.76 2.03
C GLY A 144 13.30 -10.82 2.36
N ARG A 145 13.56 -9.91 1.42
CA ARG A 145 14.75 -9.08 1.51
C ARG A 145 14.60 -7.86 0.63
N VAL A 146 15.21 -6.75 1.05
CA VAL A 146 15.27 -5.52 0.27
C VAL A 146 16.71 -5.33 -0.19
N VAL A 147 16.90 -5.19 -1.49
CA VAL A 147 18.22 -4.96 -2.07
C VAL A 147 18.22 -3.60 -2.76
N SER A 148 19.42 -3.04 -2.91
CA SER A 148 19.58 -1.68 -3.42
C SER A 148 20.24 -1.62 -4.79
N SER A 149 20.45 -2.76 -5.44
CA SER A 149 21.07 -2.77 -6.76
C SER A 149 20.49 -3.89 -7.60
N GLU A 150 20.55 -3.71 -8.91
CA GLU A 150 20.11 -4.76 -9.82
C GLU A 150 21.01 -5.99 -9.73
N GLU A 151 22.30 -5.78 -9.46
CA GLU A 151 23.22 -6.90 -9.28
C GLU A 151 22.81 -7.74 -8.08
N ASP A 152 22.48 -7.11 -6.95
CA ASP A 152 22.05 -7.86 -5.78
C ASP A 152 20.70 -8.52 -6.00
N LEU A 153 19.81 -7.87 -6.75
CA LEU A 153 18.50 -8.45 -7.02
C LEU A 153 18.62 -9.76 -7.78
N LEU A 154 19.41 -9.75 -8.86
CA LEU A 154 19.59 -10.96 -9.67
C LEU A 154 20.23 -12.07 -8.85
N GLU A 155 21.20 -11.72 -8.01
CA GLU A 155 21.85 -12.75 -7.20
C GLU A 155 20.89 -13.33 -6.16
N GLU A 156 20.04 -12.48 -5.57
CA GLU A 156 19.07 -12.97 -4.59
C GLU A 156 18.03 -13.87 -5.24
N ILE A 157 17.55 -13.50 -6.42
CA ILE A 157 16.63 -14.36 -7.15
C ILE A 157 17.31 -15.68 -7.50
N LYS A 158 18.58 -15.61 -7.92
CA LYS A 158 19.32 -16.82 -8.26
C LYS A 158 19.46 -17.75 -7.06
N GLN A 159 19.72 -17.19 -5.88
CA GLN A 159 19.91 -18.00 -4.68
C GLN A 159 18.60 -18.57 -4.15
N ARG A 160 17.45 -18.11 -4.63
CA ARG A 160 16.16 -18.63 -4.20
C ARG A 160 15.58 -19.63 -5.19
N LEU A 161 16.37 -20.10 -6.15
CA LEU A 161 15.92 -21.11 -7.09
C LEU A 161 16.32 -22.51 -6.64
N ALA B 3 -21.58 -9.45 22.11
CA ALA B 3 -20.20 -9.71 21.72
C ALA B 3 -19.50 -8.42 21.30
N MSE B 4 -18.26 -8.26 21.74
CA MSE B 4 -17.48 -7.08 21.41
C MSE B 4 -17.00 -7.10 19.96
O MSE B 4 -16.68 -8.16 19.43
CB MSE B 4 -16.26 -6.96 22.35
CG MSE B 4 -16.63 -6.85 23.82
SE MSE B 4 -17.58 -5.21 24.25
CE MSE B 4 -16.13 -3.93 23.96
N THR B 5 -16.96 -5.93 19.33
CA THR B 5 -16.47 -5.77 17.97
C THR B 5 -15.16 -5.00 18.03
N LYS B 6 -14.06 -5.69 17.72
CA LYS B 6 -12.74 -5.08 17.75
C LYS B 6 -12.46 -4.43 16.40
N ILE B 7 -12.19 -3.12 16.41
CA ILE B 7 -11.98 -2.33 15.21
C ILE B 7 -10.54 -1.83 15.21
N TYR B 8 -9.86 -2.00 14.08
CA TYR B 8 -8.55 -1.40 13.86
C TYR B 8 -8.72 -0.18 12.98
N PHE B 9 -8.24 0.96 13.45
CA PHE B 9 -8.35 2.23 12.74
C PHE B 9 -7.07 2.45 11.94
N ALA B 10 -7.14 2.21 10.64
CA ALA B 10 -5.98 2.39 9.76
C ALA B 10 -6.00 3.79 9.15
N GLY B 11 -4.86 4.46 9.20
CA GLY B 11 -4.73 5.79 8.67
C GLY B 11 -3.41 6.41 9.06
N PRO B 12 -2.93 7.36 8.24
CA PRO B 12 -1.71 8.09 8.62
C PRO B 12 -1.92 8.83 9.94
N LEU B 13 -0.87 8.89 10.75
CA LEU B 13 -0.95 9.40 12.11
C LEU B 13 0.29 10.19 12.47
N PHE B 14 0.84 10.92 11.50
CA PHE B 14 2.14 11.57 11.67
C PHE B 14 2.07 13.08 11.71
N SER B 15 1.20 13.69 10.90
CA SER B 15 0.99 15.14 10.96
C SER B 15 -0.08 15.47 12.00
N GLN B 16 -0.08 16.73 12.42
CA GLN B 16 -1.11 17.18 13.36
C GLN B 16 -2.49 17.12 12.73
N ALA B 17 -2.59 17.43 11.44
CA ALA B 17 -3.87 17.35 10.75
C ALA B 17 -4.46 15.96 10.82
N ASP B 18 -3.62 14.93 10.60
CA ASP B 18 -4.12 13.56 10.65
C ASP B 18 -4.33 13.08 12.08
N LEU B 19 -3.43 13.46 13.00
CA LEU B 19 -3.61 13.09 14.40
C LEU B 19 -4.91 13.64 14.95
N ARG B 20 -5.21 14.92 14.67
CA ARG B 20 -6.42 15.53 15.18
C ARG B 20 -7.67 14.93 14.52
N TYR B 21 -7.58 14.61 13.24
CA TYR B 21 -8.74 14.05 12.55
C TYR B 21 -9.03 12.63 13.00
N ASN B 22 -7.97 11.82 13.21
CA ASN B 22 -8.16 10.47 13.73
C ASN B 22 -8.86 10.49 15.08
N ALA B 23 -8.42 11.37 15.97
CA ALA B 23 -9.05 11.47 17.29
C ALA B 23 -10.49 11.97 17.18
N TYR B 24 -10.75 12.87 16.24
CA TYR B 24 -12.10 13.41 16.07
C TYR B 24 -13.05 12.34 15.52
N LEU B 25 -12.55 11.48 14.62
CA LEU B 25 -13.39 10.41 14.09
C LEU B 25 -13.58 9.28 15.09
N VAL B 26 -12.49 8.86 15.75
CA VAL B 26 -12.57 7.73 16.67
C VAL B 26 -13.54 8.01 17.80
N GLU B 27 -13.58 9.26 18.28
CA GLU B 27 -14.54 9.62 19.33
C GLU B 27 -15.98 9.39 18.86
N GLN B 28 -16.29 9.77 17.62
CA GLN B 28 -17.63 9.54 17.10
C GLN B 28 -17.93 8.06 16.95
N ILE B 29 -16.92 7.28 16.52
CA ILE B 29 -17.13 5.84 16.32
C ILE B 29 -17.41 5.16 17.66
N ARG B 30 -16.62 5.50 18.69
CA ARG B 30 -16.81 4.88 19.99
C ARG B 30 -18.14 5.29 20.62
N GLN B 31 -18.67 6.47 20.26
CA GLN B 31 -19.95 6.90 20.78
C GLN B 31 -21.14 6.20 20.12
N LEU B 32 -20.90 5.43 19.06
CA LEU B 32 -22.00 4.71 18.42
C LEU B 32 -22.54 3.60 19.31
N ASP B 33 -21.65 2.78 19.86
CA ASP B 33 -22.06 1.59 20.60
C ASP B 33 -21.01 1.27 21.66
N LYS B 34 -21.48 0.84 22.83
CA LYS B 34 -20.56 0.49 23.91
C LYS B 34 -19.79 -0.79 23.62
N THR B 35 -20.25 -1.61 22.67
CA THR B 35 -19.60 -2.86 22.32
C THR B 35 -18.44 -2.67 21.34
N ILE B 36 -18.09 -1.43 21.01
CA ILE B 36 -17.00 -1.16 20.07
C ILE B 36 -15.69 -1.05 20.85
N ASP B 37 -14.73 -1.90 20.51
CA ASP B 37 -13.39 -1.87 21.09
C ASP B 37 -12.45 -1.46 19.95
N LEU B 38 -12.25 -0.16 19.80
CA LEU B 38 -11.45 0.38 18.70
C LEU B 38 -10.01 0.56 19.14
N TYR B 39 -9.09 0.06 18.33
CA TYR B 39 -7.66 0.25 18.54
C TYR B 39 -7.17 1.38 17.64
N LEU B 40 -6.59 2.41 18.24
CA LEU B 40 -6.05 3.55 17.50
C LEU B 40 -4.53 3.57 17.70
N PRO B 41 -3.74 3.37 16.64
CA PRO B 41 -2.28 3.24 16.83
C PRO B 41 -1.63 4.42 17.53
N GLN B 42 -2.10 5.64 17.30
CA GLN B 42 -1.46 6.80 17.92
C GLN B 42 -1.64 6.83 19.43
N GLU B 43 -2.64 6.12 19.96
CA GLU B 43 -2.84 6.04 21.40
C GLU B 43 -1.89 5.05 22.07
N ASN B 44 -1.19 4.22 21.29
CA ASN B 44 -0.31 3.20 21.83
C ASN B 44 1.15 3.42 21.50
N ALA B 45 1.47 4.43 20.71
CA ALA B 45 2.85 4.69 20.33
C ALA B 45 3.68 5.07 21.55
N ALA B 46 4.89 4.54 21.62
CA ALA B 46 5.79 4.85 22.71
C ALA B 46 6.25 6.31 22.61
N ILE B 47 6.48 6.91 23.78
CA ILE B 47 6.99 8.28 23.80
C ILE B 47 8.38 8.32 23.21
N ASN B 48 8.64 9.33 22.38
CA ASN B 48 9.91 9.43 21.67
C ASN B 48 11.07 9.49 22.66
N ASP B 49 11.97 8.52 22.56
CA ASP B 49 13.09 8.38 23.48
C ASP B 49 14.35 8.03 22.69
N LYS B 50 15.46 8.67 23.07
CA LYS B 50 16.72 8.45 22.34
C LYS B 50 17.29 7.05 22.57
N SER B 51 16.80 6.33 23.57
CA SER B 51 17.25 4.96 23.82
C SER B 51 16.39 3.92 23.12
N ALA B 52 15.10 4.20 22.96
CA ALA B 52 14.19 3.24 22.36
C ALA B 52 14.33 3.20 20.85
N TYR B 53 14.33 2.00 20.28
CA TYR B 53 14.42 1.82 18.85
C TYR B 53 13.76 0.50 18.45
N ALA B 54 13.03 0.55 17.34
CA ALA B 54 12.39 -0.63 16.77
C ALA B 54 12.54 -0.57 15.26
N ASP B 55 13.14 -1.60 14.67
CA ASP B 55 13.38 -1.59 13.23
C ASP B 55 12.11 -2.00 12.48
N SER B 56 12.20 -2.04 11.15
CA SER B 56 11.02 -2.21 10.33
C SER B 56 10.32 -3.54 10.60
N LYS B 57 11.09 -4.59 10.90
CA LYS B 57 10.48 -5.90 11.12
C LYS B 57 9.60 -5.89 12.37
N MSE B 58 10.08 -5.32 13.46
N MSE B 58 10.11 -5.33 13.46
CA MSE B 58 9.27 -5.30 14.68
CA MSE B 58 9.35 -5.21 14.71
C MSE B 58 8.21 -4.19 14.64
C MSE B 58 8.17 -4.28 14.51
O MSE B 58 7.25 -4.22 15.40
O MSE B 58 7.08 -4.51 15.06
CB MSE B 58 10.14 -5.17 15.94
CB MSE B 58 10.25 -4.70 15.84
CG MSE B 58 11.20 -4.10 15.91
CG MSE B 58 11.51 -5.52 16.05
SE MSE B 58 12.28 -4.15 17.55
SE MSE B 58 11.17 -7.30 16.76
CE MSE B 58 14.05 -3.93 16.78
CE MSE B 58 10.64 -6.82 18.57
N ILE B 59 8.38 -3.21 13.74
CA ILE B 59 7.33 -2.24 13.50
C ILE B 59 6.16 -2.90 12.77
N ALA B 60 6.46 -3.64 11.70
CA ALA B 60 5.41 -4.31 10.94
C ALA B 60 4.75 -5.40 11.78
N LEU B 61 5.53 -6.16 12.54
CA LEU B 61 4.97 -7.24 13.34
C LEU B 61 4.03 -6.69 14.41
N ALA B 62 4.45 -5.62 15.10
CA ALA B 62 3.61 -5.06 16.16
C ALA B 62 2.28 -4.54 15.61
N ASP B 63 2.32 -3.90 14.44
CA ASP B 63 1.09 -3.38 13.85
C ASP B 63 0.22 -4.50 13.31
N THR B 64 0.84 -5.50 12.68
CA THR B 64 0.07 -6.61 12.11
C THR B 64 -0.67 -7.38 13.19
N GLU B 65 -0.06 -7.50 14.39
CA GLU B 65 -0.73 -8.18 15.49
C GLU B 65 -2.06 -7.52 15.81
N ASN B 66 -2.09 -6.17 15.81
CA ASN B 66 -3.34 -5.48 16.08
C ASN B 66 -4.32 -5.60 14.92
N VAL B 67 -3.82 -5.62 13.69
CA VAL B 67 -4.70 -5.80 12.53
C VAL B 67 -5.38 -7.16 12.58
N LEU B 68 -4.59 -8.22 12.79
CA LEU B 68 -5.13 -9.57 12.75
C LEU B 68 -6.07 -9.86 13.92
N ALA B 69 -5.94 -9.14 15.04
CA ALA B 69 -6.82 -9.35 16.18
C ALA B 69 -8.14 -8.61 16.05
N SER B 70 -8.36 -7.89 14.96
CA SER B 70 -9.56 -7.08 14.80
CA SER B 70 -9.55 -7.07 14.78
C SER B 70 -10.62 -7.84 14.02
N ASP B 71 -11.88 -7.46 14.25
CA ASP B 71 -13.00 -8.00 13.50
C ASP B 71 -13.37 -7.15 12.30
N LEU B 72 -12.97 -5.87 12.31
CA LEU B 72 -13.28 -4.93 11.26
C LEU B 72 -12.16 -3.90 11.18
N LEU B 73 -11.80 -3.52 9.96
CA LEU B 73 -10.74 -2.54 9.73
C LEU B 73 -11.36 -1.29 9.10
N VAL B 74 -11.18 -0.15 9.76
CA VAL B 74 -11.59 1.14 9.22
C VAL B 74 -10.34 1.81 8.65
N ALA B 75 -10.40 2.19 7.38
CA ALA B 75 -9.23 2.71 6.68
C ALA B 75 -9.53 4.09 6.11
N LEU B 76 -8.58 5.00 6.29
CA LEU B 76 -8.67 6.35 5.72
C LEU B 76 -7.80 6.41 4.48
N LEU B 77 -8.42 6.69 3.33
CA LEU B 77 -7.73 6.65 2.05
C LEU B 77 -7.27 8.02 1.55
N ASP B 78 -7.64 9.10 2.22
CA ASP B 78 -7.36 10.43 1.71
C ASP B 78 -5.87 10.73 1.74
N GLY B 79 -5.50 11.81 1.04
CA GLY B 79 -4.12 12.16 0.83
C GLY B 79 -3.83 12.24 -0.66
N PRO B 80 -2.66 12.77 -1.03
CA PRO B 80 -2.28 12.75 -2.45
C PRO B 80 -2.21 11.35 -3.01
N THR B 81 -1.82 10.38 -2.18
CA THR B 81 -1.90 8.97 -2.49
C THR B 81 -2.39 8.25 -1.24
N ILE B 82 -2.89 7.03 -1.42
CA ILE B 82 -3.22 6.20 -0.27
C ILE B 82 -1.94 5.90 0.49
N ASP B 83 -1.96 6.10 1.81
CA ASP B 83 -0.79 5.83 2.64
C ASP B 83 -0.30 4.41 2.43
N ALA B 84 1.01 4.27 2.23
CA ALA B 84 1.58 2.97 1.88
C ALA B 84 1.35 1.95 2.99
N GLY B 85 1.46 2.37 4.25
CA GLY B 85 1.17 1.47 5.34
C GLY B 85 -0.29 1.02 5.35
N VAL B 86 -1.20 1.96 5.11
CA VAL B 86 -2.62 1.64 5.04
C VAL B 86 -2.89 0.67 3.90
N ALA B 87 -2.28 0.92 2.74
CA ALA B 87 -2.47 0.03 1.60
C ALA B 87 -1.99 -1.38 1.91
N SER B 88 -0.84 -1.51 2.60
CA SER B 88 -0.37 -2.83 2.98
C SER B 88 -1.29 -3.47 4.01
N GLU B 89 -1.77 -2.70 4.98
CA GLU B 89 -2.69 -3.24 5.97
C GLU B 89 -4.00 -3.71 5.33
N ILE B 90 -4.45 -3.02 4.28
CA ILE B 90 -5.63 -3.47 3.56
C ILE B 90 -5.37 -4.81 2.88
N GLY B 91 -4.18 -4.96 2.29
CA GLY B 91 -3.85 -6.24 1.66
C GLY B 91 -3.78 -7.38 2.66
N VAL B 92 -3.24 -7.10 3.86
CA VAL B 92 -3.23 -8.12 4.91
C VAL B 92 -4.65 -8.48 5.32
N ALA B 93 -5.50 -7.46 5.49
CA ALA B 93 -6.87 -7.71 5.94
C ALA B 93 -7.66 -8.51 4.93
N TYR B 94 -7.50 -8.21 3.64
CA TYR B 94 -8.23 -8.95 2.61
C TYR B 94 -7.81 -10.42 2.60
N ALA B 95 -6.50 -10.67 2.60
CA ALA B 95 -6.03 -12.05 2.52
C ALA B 95 -6.44 -12.86 3.74
N LYS B 96 -6.60 -12.22 4.89
CA LYS B 96 -7.06 -12.89 6.10
C LYS B 96 -8.58 -12.88 6.25
N GLY B 97 -9.30 -12.24 5.33
CA GLY B 97 -10.74 -12.24 5.39
C GLY B 97 -11.34 -11.27 6.37
N ILE B 98 -10.62 -10.22 6.74
CA ILE B 98 -11.12 -9.22 7.68
C ILE B 98 -11.74 -8.08 6.86
N PRO B 99 -13.03 -7.79 7.02
CA PRO B 99 -13.66 -6.77 6.19
C PRO B 99 -13.10 -5.38 6.45
N VAL B 100 -13.19 -4.53 5.43
CA VAL B 100 -12.62 -3.19 5.49
C VAL B 100 -13.68 -2.19 5.06
N VAL B 101 -13.94 -1.19 5.91
CA VAL B 101 -14.80 -0.06 5.58
C VAL B 101 -13.91 1.17 5.47
N ALA B 102 -13.84 1.75 4.28
CA ALA B 102 -12.91 2.83 3.99
C ALA B 102 -13.64 4.17 3.83
N LEU B 103 -12.96 5.23 4.23
CA LEU B 103 -13.48 6.59 4.13
C LEU B 103 -12.65 7.39 3.13
N TYR B 104 -13.33 8.08 2.22
CA TYR B 104 -12.67 8.82 1.13
C TYR B 104 -13.47 10.09 0.88
N THR B 105 -13.01 11.20 1.48
CA THR B 105 -13.76 12.45 1.48
C THR B 105 -13.25 13.47 0.47
N ASP B 106 -12.24 13.13 -0.34
CA ASP B 106 -11.61 14.10 -1.23
C ASP B 106 -12.64 14.80 -2.10
N SER B 107 -12.68 16.14 -2.02
CA SER B 107 -13.70 16.91 -2.73
C SER B 107 -13.53 16.84 -4.24
N ARG B 108 -12.36 16.44 -4.73
CA ARG B 108 -12.13 16.33 -6.16
C ARG B 108 -12.71 15.06 -6.77
N GLN B 109 -13.41 14.24 -5.97
CA GLN B 109 -14.10 13.08 -6.51
C GLN B 109 -15.45 13.44 -7.11
N GLN B 110 -15.94 14.66 -6.89
CA GLN B 110 -17.25 15.09 -7.35
C GLN B 110 -17.15 15.69 -8.76
N GLY B 111 -18.28 15.70 -9.45
CA GLY B 111 -18.36 16.32 -10.76
C GLY B 111 -18.70 15.35 -11.88
N ALA B 112 -19.20 14.17 -11.53
CA ALA B 112 -19.59 13.20 -12.55
C ALA B 112 -20.74 13.71 -13.40
N ASP B 113 -21.56 14.61 -12.84
CA ASP B 113 -22.65 15.21 -13.61
C ASP B 113 -22.19 16.34 -14.51
N ASN B 114 -21.04 16.95 -14.22
CA ASN B 114 -20.52 18.05 -15.02
C ASN B 114 -20.02 17.53 -16.35
N HIS B 115 -20.69 17.92 -17.44
N HIS B 115 -20.69 17.92 -17.44
CA HIS B 115 -20.30 17.41 -18.75
CA HIS B 115 -20.31 17.41 -18.75
C HIS B 115 -19.01 18.05 -19.25
C HIS B 115 -19.01 18.04 -19.24
N GLN B 116 -18.70 19.26 -18.79
CA GLN B 116 -17.46 19.91 -19.20
C GLN B 116 -16.25 19.25 -18.55
N LYS B 117 -16.39 18.81 -17.30
CA LYS B 117 -15.32 18.02 -16.68
C LYS B 117 -15.09 16.73 -17.45
N LEU B 118 -16.17 16.10 -17.93
CA LEU B 118 -16.03 14.86 -18.70
C LEU B 118 -15.41 15.13 -20.07
N ASP B 119 -15.83 16.20 -20.73
CA ASP B 119 -15.26 16.53 -22.03
C ASP B 119 -13.80 16.97 -21.92
N ALA B 120 -13.42 17.54 -20.78
CA ALA B 120 -12.04 17.99 -20.59
C ALA B 120 -11.05 16.83 -20.62
N LEU B 121 -11.51 15.61 -20.35
CA LEU B 121 -10.63 14.45 -20.39
C LEU B 121 -10.08 14.18 -21.79
N ASN B 122 -10.71 14.76 -22.83
CA ASN B 122 -10.15 14.66 -24.17
C ASN B 122 -8.92 15.54 -24.35
N GLU B 123 -8.73 16.53 -23.48
CA GLU B 123 -7.54 17.36 -23.48
C GLU B 123 -6.45 16.69 -22.64
N ILE B 124 -5.20 17.03 -22.94
CA ILE B 124 -4.07 16.48 -22.21
C ILE B 124 -3.95 17.22 -20.88
N ALA B 125 -3.89 16.45 -19.79
CA ALA B 125 -3.64 16.97 -18.45
C ALA B 125 -4.72 17.97 -18.02
N GLU B 126 -5.98 17.55 -18.11
CA GLU B 126 -7.10 18.36 -17.64
C GLU B 126 -8.06 17.56 -16.77
N ASN B 127 -7.63 16.42 -16.24
CA ASN B 127 -8.49 15.61 -15.39
C ASN B 127 -8.66 16.27 -14.03
N GLN B 128 -9.89 16.58 -13.66
CA GLN B 128 -10.20 17.19 -12.38
C GLN B 128 -10.60 16.18 -11.32
N PHE B 129 -10.59 14.89 -11.65
CA PHE B 129 -11.05 13.85 -10.73
C PHE B 129 -9.84 13.22 -10.04
N HIS B 130 -9.80 13.35 -8.72
CA HIS B 130 -8.75 12.74 -7.92
C HIS B 130 -8.73 11.23 -8.13
N TYR B 131 -7.53 10.64 -8.06
CA TYR B 131 -7.33 9.24 -8.39
C TYR B 131 -6.90 8.44 -7.17
N LEU B 132 -7.50 7.26 -7.00
CA LEU B 132 -7.10 6.28 -6.01
C LEU B 132 -6.68 5.01 -6.76
N ASN B 133 -5.60 4.39 -6.30
CA ASN B 133 -5.16 3.13 -6.90
C ASN B 133 -6.29 2.10 -6.80
N LEU B 134 -6.75 1.63 -7.96
CA LEU B 134 -7.95 0.80 -8.01
C LEU B 134 -7.72 -0.62 -7.55
N TYR B 135 -6.47 -1.07 -7.46
CA TYR B 135 -6.22 -2.38 -6.86
C TYR B 135 -6.51 -2.35 -5.37
N THR B 136 -6.01 -1.32 -4.68
CA THR B 136 -6.29 -1.17 -3.25
C THR B 136 -7.78 -1.00 -3.01
N VAL B 137 -8.45 -0.18 -3.83
CA VAL B 137 -9.90 0.02 -3.68
C VAL B 137 -10.64 -1.28 -3.89
N GLY B 138 -10.26 -2.05 -4.92
CA GLY B 138 -10.95 -3.29 -5.20
C GLY B 138 -10.89 -4.29 -4.06
N LEU B 139 -9.74 -4.36 -3.39
CA LEU B 139 -9.62 -5.26 -2.24
C LEU B 139 -10.60 -4.90 -1.14
N ILE B 140 -10.86 -3.60 -0.96
CA ILE B 140 -11.83 -3.16 0.03
C ILE B 140 -13.24 -3.62 -0.36
N LYS B 141 -13.66 -3.27 -1.58
CA LYS B 141 -15.03 -3.56 -2.01
C LYS B 141 -15.30 -5.05 -2.15
N LEU B 142 -14.26 -5.88 -2.30
CA LEU B 142 -14.47 -7.32 -2.39
C LEU B 142 -15.00 -7.90 -1.08
N ASN B 143 -14.77 -7.20 0.03
CA ASN B 143 -15.27 -7.58 1.35
C ASN B 143 -15.27 -6.32 2.20
N GLY B 144 -16.20 -5.44 1.90
CA GLY B 144 -16.34 -4.18 2.61
C GLY B 144 -16.97 -3.14 1.71
N ARG B 145 -16.57 -1.89 1.92
CA ARG B 145 -17.24 -0.77 1.29
C ARG B 145 -16.39 0.47 1.43
N VAL B 146 -16.49 1.35 0.44
CA VAL B 146 -15.88 2.67 0.47
C VAL B 146 -17.00 3.70 0.55
N VAL B 147 -16.93 4.57 1.55
CA VAL B 147 -17.90 5.65 1.71
C VAL B 147 -17.19 6.98 1.56
N SER B 148 -17.97 8.03 1.31
CA SER B 148 -17.44 9.36 1.03
C SER B 148 -17.80 10.39 2.07
N SER B 149 -18.43 9.99 3.18
CA SER B 149 -18.78 10.93 4.23
C SER B 149 -18.67 10.25 5.59
N GLU B 150 -18.45 11.07 6.62
CA GLU B 150 -18.38 10.55 7.97
C GLU B 150 -19.73 9.99 8.43
N GLU B 151 -20.83 10.59 7.96
CA GLU B 151 -22.15 10.07 8.27
C GLU B 151 -22.31 8.64 7.76
N ASP B 152 -21.94 8.39 6.50
CA ASP B 152 -22.06 7.05 5.95
C ASP B 152 -21.08 6.08 6.60
N LEU B 153 -19.93 6.58 7.07
CA LEU B 153 -18.98 5.71 7.76
C LEU B 153 -19.57 5.20 9.07
N LEU B 154 -20.13 6.10 9.88
CA LEU B 154 -20.74 5.69 11.14
C LEU B 154 -21.95 4.80 10.91
N GLU B 155 -22.75 5.12 9.89
CA GLU B 155 -23.92 4.30 9.58
C GLU B 155 -23.50 2.89 9.16
N GLU B 156 -22.43 2.77 8.36
CA GLU B 156 -21.97 1.46 7.93
C GLU B 156 -21.40 0.67 9.10
N ILE B 157 -20.70 1.35 10.02
CA ILE B 157 -20.15 0.67 11.19
C ILE B 157 -21.26 0.13 12.07
N LYS B 158 -22.35 0.90 12.22
CA LYS B 158 -23.46 0.45 13.05
C LYS B 158 -24.09 -0.82 12.49
N GLN B 159 -24.27 -0.88 11.18
CA GLN B 159 -24.85 -2.06 10.53
C GLN B 159 -23.98 -3.30 10.67
N ARG B 160 -22.67 -3.13 10.86
CA ARG B 160 -21.77 -4.27 10.99
C ARG B 160 -21.50 -4.66 12.44
N LEU B 161 -22.32 -4.19 13.37
CA LEU B 161 -22.18 -4.55 14.78
C LEU B 161 -23.02 -5.79 15.12
C1 GOL C . 1.15 -3.98 -10.17
O1 GOL C . 2.23 -4.18 -9.30
C2 GOL C . 0.17 -3.02 -9.46
O2 GOL C . -1.09 -3.03 -10.04
C3 GOL C . 0.84 -1.63 -9.55
O3 GOL C . -0.04 -0.71 -8.96
C1 EDO D . 4.88 3.10 9.57
O1 EDO D . 3.55 2.86 9.08
C2 EDO D . 4.81 3.53 11.03
O2 EDO D . 6.13 3.77 11.51
C1 EDO E . -4.01 -0.79 -12.05
O1 EDO E . -5.24 -0.38 -12.66
C2 EDO E . -3.99 -0.35 -10.60
O2 EDO E . -2.82 -0.86 -9.96
C1 GOL F . 1.93 -15.55 7.74
O1 GOL F . 3.31 -15.51 7.91
C2 GOL F . 1.36 -14.44 8.65
O2 GOL F . -0.02 -14.50 8.76
C3 GOL F . 2.06 -14.67 10.00
O3 GOL F . 1.39 -13.89 10.94
C1 GOL G . -1.36 2.76 10.47
O1 GOL G . -2.54 2.68 9.74
C2 GOL G . -0.19 2.65 9.46
O2 GOL G . 0.97 2.20 10.07
C3 GOL G . -0.03 4.07 8.87
O3 GOL G . 1.05 4.02 7.99
C1 EDO H . -9.72 -14.85 1.10
O1 EDO H . -10.79 -14.37 0.29
C2 EDO H . -8.43 -14.15 0.71
O2 EDO H . -8.06 -14.52 -0.62
#